data_4MB6
#
_entry.id   4MB6
#
_cell.length_a   58.560
_cell.length_b   78.380
_cell.length_c   54.010
_cell.angle_alpha   90.000
_cell.angle_beta   112.980
_cell.angle_gamma   90.000
#
_symmetry.space_group_name_H-M   'C 1 2 1'
#
loop_
_entity.id
_entity.type
_entity.pdbx_description
1 polymer 'Adenine phosphoribosyltransferase'
2 non-polymer 'SODIUM ION'
3 water water
#
_entity_poly.entity_id   1
_entity_poly.type   'polypeptide(L)'
_entity_poly.pdbx_seq_one_letter_code
;MTVSASKTAQQLKYIKDSIKTIPDYPKAGILFRDVTSLLENPKAYSASIELLSEHYSESGVTKVVGTEARGFLFGAPVAL
ALGVGFVPVRKPGKLPRETISESYELEYGTDTLEIHTDSIQPGDKVLVVDDLLATGGTIEATVKLIRRLGGEVVHAAFII
NLPELGGEARLTQQGIHCYSLVSFDGH
;
_entity_poly.pdbx_strand_id   A
#
loop_
_chem_comp.id
_chem_comp.type
_chem_comp.name
_chem_comp.formula
NA non-polymer 'SODIUM ION' 'Na 1'
#
# COMPACT_ATOMS: atom_id res chain seq x y z
N VAL A 3 13.20 14.08 15.60
CA VAL A 3 12.90 15.39 14.91
C VAL A 3 11.74 16.13 15.61
N SER A 4 11.87 17.47 15.72
CA SER A 4 10.89 18.34 16.39
C SER A 4 9.53 18.30 15.64
N ALA A 5 8.40 18.35 16.38
CA ALA A 5 7.02 18.28 15.80
C ALA A 5 6.83 19.37 14.75
N SER A 6 7.46 20.52 14.98
CA SER A 6 7.60 21.56 13.98
C SER A 6 8.16 21.02 12.65
N LYS A 7 9.34 20.39 12.70
CA LYS A 7 10.03 19.93 11.47
C LYS A 7 9.35 18.71 10.79
N THR A 8 8.87 17.80 11.61
CA THR A 8 8.04 16.66 11.12
C THR A 8 6.77 17.16 10.42
N ALA A 9 6.03 18.05 11.07
CA ALA A 9 4.86 18.68 10.42
C ALA A 9 5.20 19.35 9.08
N GLN A 10 6.33 20.09 9.01
CA GLN A 10 6.74 20.74 7.77
C GLN A 10 7.01 19.69 6.65
N GLN A 11 7.60 18.54 6.99
CA GLN A 11 7.91 17.56 5.97
C GLN A 11 6.60 16.89 5.49
N LEU A 12 5.72 16.57 6.44
CA LEU A 12 4.44 15.90 6.15
C LEU A 12 3.54 16.83 5.34
N LYS A 13 3.53 18.11 5.71
CA LYS A 13 2.86 19.12 4.88
C LYS A 13 3.42 19.23 3.51
N TYR A 14 4.74 19.10 3.33
CA TYR A 14 5.32 19.26 2.02
C TYR A 14 4.84 18.08 1.10
N ILE A 15 4.86 16.92 1.71
CA ILE A 15 4.26 15.69 1.03
C ILE A 15 2.76 15.86 0.69
N LYS A 16 1.95 16.34 1.61
CA LYS A 16 0.55 16.53 1.35
C LYS A 16 0.32 17.56 0.33
N ASP A 17 0.95 18.72 0.43
CA ASP A 17 0.79 19.74 -0.63
C ASP A 17 1.26 19.29 -1.98
N SER A 18 2.10 18.25 -2.04
CA SER A 18 2.52 17.80 -3.38
C SER A 18 1.43 16.96 -4.13
N ILE A 19 0.44 16.44 -3.39
CA ILE A 19 -0.62 15.59 -4.00
C ILE A 19 -1.71 16.54 -4.53
N LYS A 20 -2.11 16.41 -5.78
CA LYS A 20 -3.15 17.25 -6.30
C LYS A 20 -4.56 16.67 -6.07
N THR A 21 -5.54 17.55 -5.87
CA THR A 21 -6.93 17.13 -5.79
C THR A 21 -7.61 17.48 -7.13
N ILE A 22 -8.17 16.46 -7.81
CA ILE A 22 -8.85 16.64 -9.11
C ILE A 22 -10.36 16.59 -8.86
N PRO A 23 -11.11 17.69 -9.18
CA PRO A 23 -12.58 17.61 -9.04
C PRO A 23 -13.28 16.80 -10.16
N ASP A 24 -14.41 16.19 -9.82
CA ASP A 24 -15.25 15.43 -10.75
C ASP A 24 -14.52 14.32 -11.51
N TYR A 25 -13.62 13.63 -10.85
CA TYR A 25 -12.97 12.54 -11.46
C TYR A 25 -13.06 11.42 -10.43
N PRO A 26 -13.40 10.20 -10.83
CA PRO A 26 -13.71 9.70 -12.17
C PRO A 26 -15.10 10.07 -12.67
N LYS A 27 -15.98 10.54 -11.80
CA LYS A 27 -17.32 10.98 -12.20
C LYS A 27 -17.70 12.25 -11.45
N ALA A 28 -18.91 12.77 -11.65
CA ALA A 28 -19.31 14.03 -10.99
C ALA A 28 -19.47 13.89 -9.47
N GLY A 29 -19.02 14.90 -8.72
CA GLY A 29 -19.20 14.91 -7.27
C GLY A 29 -18.21 14.04 -6.48
N ILE A 30 -17.20 13.47 -7.18
CA ILE A 30 -16.08 12.72 -6.56
C ILE A 30 -14.79 13.54 -6.70
N LEU A 31 -14.02 13.64 -5.62
CA LEU A 31 -12.71 14.30 -5.65
C LEU A 31 -11.63 13.20 -5.78
N PHE A 32 -10.65 13.37 -6.67
CA PHE A 32 -9.64 12.30 -6.85
C PHE A 32 -8.31 12.90 -6.40
N ARG A 33 -7.64 12.17 -5.53
CA ARG A 33 -6.34 12.58 -5.01
C ARG A 33 -5.30 11.89 -5.89
N ASP A 34 -4.52 12.71 -6.56
CA ASP A 34 -3.58 12.24 -7.61
C ASP A 34 -2.19 12.17 -7.05
N VAL A 35 -1.71 10.97 -6.81
CA VAL A 35 -0.39 10.81 -6.30
C VAL A 35 0.72 11.02 -7.39
N THR A 36 0.37 11.16 -8.65
CA THR A 36 1.45 11.38 -9.67
C THR A 36 2.18 12.73 -9.53
N SER A 37 1.57 13.76 -8.93
CA SER A 37 2.26 15.01 -8.74
C SER A 37 3.30 14.86 -7.64
N LEU A 38 3.08 13.92 -6.76
CA LEU A 38 4.06 13.59 -5.71
C LEU A 38 5.25 12.85 -6.35
N LEU A 39 4.97 11.90 -7.25
CA LEU A 39 6.03 11.15 -7.91
C LEU A 39 7.00 12.04 -8.68
N GLU A 40 6.47 13.08 -9.30
CA GLU A 40 7.33 13.96 -10.12
C GLU A 40 8.11 14.94 -9.30
N ASN A 41 7.86 15.01 -8.03
CA ASN A 41 8.65 15.92 -7.13
C ASN A 41 9.68 15.09 -6.30
N PRO A 42 10.95 15.12 -6.67
CA PRO A 42 11.91 14.19 -6.07
C PRO A 42 12.02 14.31 -4.61
N LYS A 43 11.91 15.55 -4.10
CA LYS A 43 11.91 15.77 -2.70
C LYS A 43 10.70 15.13 -1.96
N ALA A 44 9.50 15.30 -2.48
CA ALA A 44 8.30 14.69 -1.85
C ALA A 44 8.28 13.14 -1.94
N TYR A 45 8.74 12.67 -3.09
CA TYR A 45 8.73 11.16 -3.37
C TYR A 45 9.76 10.53 -2.44
N SER A 46 10.98 11.07 -2.42
N SER A 46 10.98 11.07 -2.45
CA SER A 46 12.02 10.50 -1.58
CA SER A 46 12.01 10.53 -1.59
C SER A 46 11.62 10.61 -0.10
C SER A 46 11.64 10.62 -0.11
N ALA A 47 10.96 11.68 0.31
CA ALA A 47 10.52 11.84 1.71
C ALA A 47 9.52 10.80 2.11
N SER A 48 8.59 10.53 1.20
CA SER A 48 7.51 9.54 1.45
C SER A 48 8.13 8.15 1.62
N ILE A 49 9.12 7.80 0.81
CA ILE A 49 9.81 6.51 0.98
C ILE A 49 10.57 6.44 2.32
N GLU A 50 11.27 7.52 2.65
CA GLU A 50 11.97 7.58 3.93
C GLU A 50 11.00 7.40 5.09
N LEU A 51 9.85 8.08 5.09
CA LEU A 51 8.96 8.00 6.23
C LEU A 51 8.33 6.62 6.37
N LEU A 52 7.93 6.04 5.23
CA LEU A 52 7.45 4.69 5.26
C LEU A 52 8.52 3.69 5.75
N SER A 53 9.73 3.73 5.19
CA SER A 53 10.73 2.72 5.52
C SER A 53 11.15 2.84 6.99
N GLU A 54 11.29 4.08 7.44
CA GLU A 54 11.77 4.34 8.81
C GLU A 54 10.77 3.83 9.77
N HIS A 55 9.46 4.04 9.52
CA HIS A 55 8.38 3.56 10.39
C HIS A 55 8.49 2.08 10.73
N TYR A 56 8.95 1.27 9.78
CA TYR A 56 9.10 -0.17 9.97
C TYR A 56 10.53 -0.68 10.22
N SER A 57 11.50 0.19 10.41
CA SER A 57 12.93 -0.22 10.47
C SER A 57 13.26 -1.23 11.59
N GLU A 58 12.48 -1.26 12.67
CA GLU A 58 12.64 -2.21 13.79
C GLU A 58 11.63 -3.35 13.76
N SER A 59 10.87 -3.49 12.70
CA SER A 59 9.72 -4.40 12.77
C SER A 59 10.01 -5.84 12.39
N GLY A 60 11.24 -6.10 11.97
CA GLY A 60 11.62 -7.44 11.53
C GLY A 60 10.95 -7.86 10.24
N VAL A 61 10.56 -6.90 9.43
CA VAL A 61 10.01 -7.20 8.11
C VAL A 61 11.00 -8.01 7.26
N THR A 62 10.58 -9.15 6.68
CA THR A 62 11.43 -9.90 5.73
C THR A 62 11.02 -9.83 4.25
N LYS A 63 9.85 -9.22 3.96
CA LYS A 63 9.31 -9.21 2.58
C LYS A 63 8.40 -8.00 2.49
N VAL A 64 8.37 -7.35 1.34
CA VAL A 64 7.32 -6.34 1.11
C VAL A 64 6.47 -6.83 -0.07
N VAL A 65 5.14 -6.71 0.07
CA VAL A 65 4.17 -7.01 -0.97
C VAL A 65 3.44 -5.72 -1.38
N GLY A 66 3.42 -5.45 -2.68
CA GLY A 66 2.58 -4.41 -3.24
C GLY A 66 1.77 -4.89 -4.43
N THR A 67 0.54 -4.34 -4.54
CA THR A 67 -0.34 -4.68 -5.61
C THR A 67 -0.10 -3.79 -6.82
N GLU A 68 -0.35 -4.35 -7.97
CA GLU A 68 -0.27 -3.68 -9.21
C GLU A 68 -1.35 -2.58 -9.29
N ALA A 69 -1.13 -1.43 -9.95
CA ALA A 69 0.14 -0.95 -10.49
C ALA A 69 0.76 0.11 -9.59
N ARG A 70 -0.04 1.02 -9.02
CA ARG A 70 0.52 2.18 -8.27
C ARG A 70 1.18 1.75 -6.97
N GLY A 71 0.75 0.63 -6.44
CA GLY A 71 1.38 0.03 -5.30
C GLY A 71 2.83 -0.30 -5.50
N PHE A 72 3.22 -0.65 -6.74
CA PHE A 72 4.62 -0.99 -7.10
C PHE A 72 5.53 0.23 -6.85
N LEU A 73 4.96 1.41 -7.06
CA LEU A 73 5.60 2.75 -6.89
C LEU A 73 6.07 3.08 -5.49
N PHE A 74 5.42 2.54 -4.52
CA PHE A 74 5.78 2.67 -3.11
C PHE A 74 6.32 1.46 -2.47
N GLY A 75 5.77 0.25 -2.78
CA GLY A 75 6.28 -0.94 -2.25
C GLY A 75 7.69 -1.31 -2.57
N ALA A 76 8.06 -1.14 -3.82
CA ALA A 76 9.28 -1.67 -4.27
C ALA A 76 10.43 -0.70 -3.72
N PRO A 77 10.20 0.63 -3.72
CA PRO A 77 11.29 1.43 -3.06
C PRO A 77 11.38 1.20 -1.54
N VAL A 78 10.25 0.95 -0.86
CA VAL A 78 10.30 0.59 0.53
C VAL A 78 11.09 -0.72 0.74
N ALA A 79 10.90 -1.72 -0.12
CA ALA A 79 11.64 -2.98 -0.02
C ALA A 79 13.12 -2.70 -0.16
N LEU A 80 13.46 -1.90 -1.15
CA LEU A 80 14.88 -1.52 -1.38
C LEU A 80 15.45 -0.81 -0.16
N ALA A 81 14.65 0.07 0.42
CA ALA A 81 15.14 0.84 1.60
C ALA A 81 15.30 -0.06 2.82
N LEU A 82 14.50 -1.11 2.97
CA LEU A 82 14.57 -2.02 4.05
C LEU A 82 15.57 -3.16 3.81
N GLY A 83 16.08 -3.30 2.60
CA GLY A 83 16.95 -4.44 2.23
C GLY A 83 16.27 -5.80 2.12
N VAL A 84 14.99 -5.83 1.78
CA VAL A 84 14.21 -7.06 1.70
C VAL A 84 13.58 -7.28 0.29
N GLY A 85 13.17 -8.49 0.02
CA GLY A 85 12.65 -8.74 -1.27
C GLY A 85 11.30 -8.07 -1.43
N PHE A 86 10.97 -7.90 -2.70
CA PHE A 86 9.65 -7.32 -3.08
C PHE A 86 8.90 -8.38 -3.83
N VAL A 87 7.62 -8.58 -3.48
CA VAL A 87 6.80 -9.59 -4.05
C VAL A 87 5.50 -8.93 -4.63
N PRO A 88 5.31 -8.97 -5.93
CA PRO A 88 4.11 -8.34 -6.49
C PRO A 88 2.88 -9.21 -6.34
N VAL A 89 1.73 -8.55 -6.17
CA VAL A 89 0.44 -9.16 -6.29
C VAL A 89 -0.23 -8.58 -7.52
N ARG A 90 -0.62 -9.45 -8.43
CA ARG A 90 -1.03 -9.03 -9.80
C ARG A 90 -2.39 -9.48 -10.21
N LYS A 91 -3.00 -8.77 -11.18
CA LYS A 91 -4.21 -9.32 -11.78
C LYS A 91 -3.84 -10.64 -12.45
N PRO A 92 -4.85 -11.49 -12.74
CA PRO A 92 -4.63 -12.82 -13.20
C PRO A 92 -4.00 -12.95 -14.61
N GLY A 93 -3.13 -13.94 -14.72
CA GLY A 93 -2.49 -14.34 -15.93
C GLY A 93 -1.24 -13.56 -16.21
N LYS A 94 -0.73 -12.81 -15.22
CA LYS A 94 0.50 -12.06 -15.44
C LYS A 94 1.74 -12.66 -14.77
N LEU A 95 1.56 -13.41 -13.70
CA LEU A 95 2.65 -14.01 -13.00
C LEU A 95 2.85 -15.36 -13.63
N PRO A 96 4.08 -15.71 -14.03
CA PRO A 96 4.31 -17.00 -14.78
C PRO A 96 4.52 -18.24 -14.00
N ARG A 97 4.88 -18.17 -12.73
CA ARG A 97 5.12 -19.35 -11.95
C ARG A 97 3.89 -19.73 -11.18
N GLU A 98 3.95 -20.79 -10.38
CA GLU A 98 2.79 -21.26 -9.67
C GLU A 98 2.21 -20.16 -8.77
N THR A 99 0.90 -19.95 -8.86
CA THR A 99 0.17 -18.93 -8.11
C THR A 99 -0.97 -19.47 -7.29
N ILE A 100 -1.41 -18.70 -6.29
CA ILE A 100 -2.71 -18.85 -5.71
C ILE A 100 -3.46 -17.55 -5.96
N SER A 101 -4.76 -17.60 -5.76
CA SER A 101 -5.68 -16.53 -6.14
C SER A 101 -6.68 -16.20 -5.05
N GLU A 102 -7.13 -14.95 -4.98
CA GLU A 102 -8.19 -14.52 -4.09
C GLU A 102 -9.06 -13.54 -4.86
N SER A 103 -10.39 -13.68 -4.70
CA SER A 103 -11.42 -12.75 -5.24
C SER A 103 -11.65 -11.56 -4.38
N TYR A 104 -12.17 -10.51 -4.96
CA TYR A 104 -12.54 -9.31 -4.19
C TYR A 104 -13.68 -8.68 -5.00
N GLU A 105 -14.43 -7.81 -4.34
CA GLU A 105 -15.54 -7.06 -4.95
C GLU A 105 -15.07 -5.78 -5.58
N LEU A 106 -15.55 -5.53 -6.77
CA LEU A 106 -15.49 -4.20 -7.30
C LEU A 106 -16.96 -3.65 -7.28
N GLU A 107 -17.13 -2.39 -7.68
CA GLU A 107 -18.50 -1.85 -7.81
C GLU A 107 -19.42 -2.73 -8.65
N TYR A 108 -18.93 -3.20 -9.80
CA TYR A 108 -19.81 -3.86 -10.78
C TYR A 108 -19.56 -5.29 -11.14
N GLY A 109 -18.88 -6.03 -10.25
CA GLY A 109 -18.38 -7.32 -10.61
C GLY A 109 -17.27 -7.73 -9.61
N THR A 110 -16.60 -8.81 -9.95
CA THR A 110 -15.54 -9.33 -9.07
C THR A 110 -14.26 -9.37 -9.85
N ASP A 111 -13.14 -9.35 -9.15
CA ASP A 111 -11.88 -9.53 -9.82
C ASP A 111 -11.04 -10.38 -8.89
N THR A 112 -9.90 -10.81 -9.37
CA THR A 112 -9.01 -11.68 -8.58
C THR A 112 -7.58 -11.07 -8.55
N LEU A 113 -6.83 -11.38 -7.49
CA LEU A 113 -5.45 -11.13 -7.40
C LEU A 113 -4.72 -12.45 -7.15
N GLU A 114 -3.51 -12.49 -7.66
CA GLU A 114 -2.63 -13.64 -7.55
C GLU A 114 -1.27 -13.28 -6.93
N ILE A 115 -0.65 -14.31 -6.36
CA ILE A 115 0.70 -14.15 -5.84
C ILE A 115 1.44 -15.45 -6.14
N HIS A 116 2.72 -15.32 -6.36
CA HIS A 116 3.58 -16.52 -6.57
C HIS A 116 3.69 -17.34 -5.28
N THR A 117 3.32 -18.62 -5.32
CA THR A 117 3.33 -19.45 -4.12
C THR A 117 4.72 -19.60 -3.55
N ASP A 118 5.74 -19.59 -4.37
CA ASP A 118 7.15 -19.71 -3.91
C ASP A 118 7.72 -18.46 -3.28
N SER A 119 7.01 -17.33 -3.32
CA SER A 119 7.60 -16.08 -2.89
C SER A 119 7.33 -15.70 -1.45
N ILE A 120 6.42 -16.41 -0.83
CA ILE A 120 6.07 -16.26 0.60
C ILE A 120 6.19 -17.65 1.22
N GLN A 121 6.89 -17.72 2.33
CA GLN A 121 6.90 -19.02 3.06
C GLN A 121 6.73 -18.83 4.55
N PRO A 122 6.40 -19.93 5.27
CA PRO A 122 6.16 -19.77 6.71
C PRO A 122 7.32 -19.07 7.41
N GLY A 123 7.04 -18.18 8.35
CA GLY A 123 8.14 -17.44 8.98
C GLY A 123 8.08 -15.97 8.55
N ASP A 124 8.14 -15.75 7.23
CA ASP A 124 8.11 -14.39 6.65
C ASP A 124 7.20 -13.50 7.45
N LYS A 125 7.69 -12.31 7.69
CA LYS A 125 6.97 -11.20 8.26
C LYS A 125 6.83 -10.16 7.12
N VAL A 126 5.59 -9.96 6.71
CA VAL A 126 5.27 -9.26 5.46
C VAL A 126 4.64 -7.91 5.70
N LEU A 127 5.22 -6.89 5.12
CA LEU A 127 4.60 -5.60 5.06
C LEU A 127 3.91 -5.46 3.68
N VAL A 128 2.67 -5.02 3.74
CA VAL A 128 1.93 -4.63 2.56
C VAL A 128 2.02 -3.09 2.38
N VAL A 129 2.38 -2.63 1.17
CA VAL A 129 2.39 -1.23 0.84
C VAL A 129 1.54 -0.93 -0.38
N ASP A 130 0.80 0.15 -0.30
CA ASP A 130 0.03 0.57 -1.49
C ASP A 130 -0.04 2.07 -1.52
N ASP A 131 -0.47 2.66 -2.63
CA ASP A 131 -0.55 4.13 -2.64
C ASP A 131 -1.70 4.65 -1.79
N LEU A 132 -2.88 4.08 -1.93
CA LEU A 132 -4.07 4.76 -1.41
C LEU A 132 -4.97 3.72 -0.78
N LEU A 133 -5.46 3.96 0.43
CA LEU A 133 -6.42 3.07 1.09
C LEU A 133 -7.81 3.64 0.97
N ALA A 134 -8.66 2.94 0.23
CA ALA A 134 -9.99 3.44 0.00
C ALA A 134 -10.93 2.44 0.64
N THR A 135 -11.52 1.57 -0.14
CA THR A 135 -12.42 0.51 0.43
C THR A 135 -11.71 -0.67 1.06
N GLY A 136 -10.42 -0.86 0.71
CA GLY A 136 -9.61 -1.89 1.31
C GLY A 136 -9.81 -3.27 0.72
N GLY A 137 -10.64 -3.42 -0.30
CA GLY A 137 -10.87 -4.75 -0.84
C GLY A 137 -9.63 -5.46 -1.41
N THR A 138 -8.79 -4.74 -2.19
CA THR A 138 -7.59 -5.39 -2.73
C THR A 138 -6.65 -5.78 -1.59
N ILE A 139 -6.52 -4.93 -0.55
CA ILE A 139 -5.62 -5.20 0.56
C ILE A 139 -6.10 -6.39 1.39
N GLU A 140 -7.39 -6.47 1.60
CA GLU A 140 -7.99 -7.63 2.30
C GLU A 140 -7.71 -8.93 1.54
N ALA A 141 -7.89 -8.91 0.20
CA ALA A 141 -7.42 -10.07 -0.64
C ALA A 141 -5.97 -10.44 -0.54
N THR A 142 -5.09 -9.43 -0.55
CA THR A 142 -3.67 -9.63 -0.43
C THR A 142 -3.30 -10.27 0.87
N VAL A 143 -3.90 -9.79 1.94
CA VAL A 143 -3.66 -10.36 3.25
C VAL A 143 -3.97 -11.83 3.27
N LYS A 144 -5.09 -12.19 2.69
CA LYS A 144 -5.51 -13.57 2.64
C LYS A 144 -4.47 -14.44 1.91
N LEU A 145 -4.00 -13.93 0.76
CA LEU A 145 -2.94 -14.57 -0.02
C LEU A 145 -1.71 -14.79 0.83
N ILE A 146 -1.28 -13.76 1.54
CA ILE A 146 -0.03 -13.90 2.26
C ILE A 146 -0.22 -14.91 3.34
N ARG A 147 -1.29 -14.81 4.06
CA ARG A 147 -1.53 -15.76 5.23
C ARG A 147 -1.73 -17.22 4.75
N ARG A 148 -2.37 -17.42 3.60
CA ARG A 148 -2.45 -18.76 3.06
C ARG A 148 -1.08 -19.41 2.82
N LEU A 149 -0.04 -18.65 2.51
CA LEU A 149 1.28 -19.21 2.22
C LEU A 149 2.14 -19.28 3.48
N GLY A 150 1.51 -18.96 4.60
CA GLY A 150 2.16 -19.02 5.89
C GLY A 150 2.91 -17.77 6.31
N GLY A 151 2.71 -16.64 5.59
CA GLY A 151 3.44 -15.41 5.96
C GLY A 151 2.64 -14.76 7.05
N GLU A 152 3.26 -14.01 7.92
CA GLU A 152 2.53 -13.20 8.93
C GLU A 152 2.47 -11.77 8.47
N VAL A 153 1.28 -11.20 8.50
CA VAL A 153 1.09 -9.83 8.14
C VAL A 153 0.20 -9.13 9.15
N VAL A 154 0.78 -8.12 9.80
CA VAL A 154 -0.01 -7.26 10.67
C VAL A 154 0.10 -5.79 10.33
N HIS A 155 0.80 -5.44 9.22
CA HIS A 155 1.04 -4.06 8.91
C HIS A 155 0.77 -3.80 7.41
N ALA A 156 0.12 -2.69 7.17
CA ALA A 156 -0.09 -2.15 5.83
C ALA A 156 0.14 -0.67 5.87
N ALA A 157 0.85 -0.15 4.87
CA ALA A 157 1.28 1.27 4.82
C ALA A 157 0.84 1.85 3.53
N PHE A 158 0.43 3.13 3.56
CA PHE A 158 -0.07 3.87 2.45
C PHE A 158 0.41 5.30 2.43
N ILE A 159 0.41 5.93 1.25
CA ILE A 159 0.63 7.37 1.19
C ILE A 159 -0.65 8.06 1.66
N ILE A 160 -1.81 7.64 1.14
CA ILE A 160 -3.11 8.30 1.38
C ILE A 160 -4.13 7.32 1.97
N ASN A 161 -4.87 7.78 2.99
CA ASN A 161 -6.03 7.10 3.60
C ASN A 161 -7.29 7.99 3.36
N LEU A 162 -8.37 7.36 2.91
CA LEU A 162 -9.72 7.98 2.71
C LEU A 162 -10.63 7.18 3.68
N PRO A 163 -10.51 7.49 4.98
CA PRO A 163 -11.13 6.66 6.04
C PRO A 163 -12.66 6.50 5.88
N GLU A 164 -13.32 7.54 5.39
CA GLU A 164 -14.75 7.45 5.07
C GLU A 164 -15.16 6.31 4.13
N LEU A 165 -14.25 5.81 3.28
CA LEU A 165 -14.60 4.66 2.44
C LEU A 165 -14.49 3.31 3.14
N GLY A 166 -14.00 3.27 4.38
CA GLY A 166 -14.15 2.06 5.21
C GLY A 166 -12.97 1.11 5.20
N GLY A 167 -11.94 1.42 4.38
CA GLY A 167 -10.80 0.52 4.23
C GLY A 167 -10.09 0.24 5.54
N GLU A 168 -9.82 1.31 6.26
CA GLU A 168 -9.03 1.19 7.46
C GLU A 168 -9.78 0.36 8.48
N ALA A 169 -11.07 0.61 8.57
CA ALA A 169 -11.93 -0.15 9.50
C ALA A 169 -12.02 -1.65 9.13
N ARG A 170 -12.11 -1.99 7.85
CA ARG A 170 -12.13 -3.38 7.41
C ARG A 170 -10.82 -4.13 7.72
N LEU A 171 -9.66 -3.51 7.43
CA LEU A 171 -8.35 -4.10 7.66
C LEU A 171 -8.18 -4.35 9.18
N THR A 172 -8.72 -3.44 10.00
CA THR A 172 -8.60 -3.55 11.44
C THR A 172 -9.25 -4.90 11.87
N GLN A 173 -10.38 -5.22 11.23
CA GLN A 173 -11.09 -6.46 11.52
C GLN A 173 -10.30 -7.68 11.19
N GLN A 174 -9.30 -7.57 10.31
CA GLN A 174 -8.39 -8.69 10.01
C GLN A 174 -7.13 -8.63 10.84
N GLY A 175 -7.06 -7.74 11.84
CA GLY A 175 -5.82 -7.66 12.64
C GLY A 175 -4.66 -6.91 11.98
N ILE A 176 -5.00 -6.03 11.03
CA ILE A 176 -4.01 -5.21 10.33
C ILE A 176 -3.98 -3.81 10.96
N HIS A 177 -2.77 -3.35 11.32
CA HIS A 177 -2.54 -1.94 11.70
C HIS A 177 -2.13 -1.19 10.44
N CYS A 178 -2.82 -0.11 10.12
CA CYS A 178 -2.54 0.70 8.94
C CYS A 178 -1.80 2.00 9.30
N TYR A 179 -0.76 2.29 8.54
CA TYR A 179 -0.05 3.54 8.71
C TYR A 179 -0.18 4.28 7.40
N SER A 180 -0.74 5.50 7.44
CA SER A 180 -0.87 6.34 6.26
C SER A 180 -0.18 7.70 6.51
N LEU A 181 0.54 8.19 5.53
CA LEU A 181 1.20 9.47 5.66
C LEU A 181 0.16 10.59 5.77
N VAL A 182 -0.86 10.56 4.94
CA VAL A 182 -1.84 11.66 4.91
C VAL A 182 -3.23 11.07 4.82
N SER A 183 -4.21 11.83 5.20
CA SER A 183 -5.57 11.44 4.95
C SER A 183 -6.44 12.62 4.50
N PHE A 184 -7.51 12.26 3.80
CA PHE A 184 -8.50 13.23 3.31
C PHE A 184 -9.92 12.74 3.70
N ASP A 185 -10.87 13.68 3.79
CA ASP A 185 -12.29 13.41 4.16
C ASP A 185 -13.18 12.94 3.00
NA NA B . 5.51 -20.63 -0.33
#